data_5UOQ
#
_entry.id   5UOQ
#
_cell.length_a   159.510
_cell.length_b   159.510
_cell.length_c   123.820
_cell.angle_alpha   90.00
_cell.angle_beta   90.00
_cell.angle_gamma   90.00
#
_symmetry.space_group_name_H-M   'P 41 21 2'
#
loop_
_entity.id
_entity.type
_entity.pdbx_description
1 polymer INTEGRASE
2 polymer 'NUCLEOTIDE PREPROCESSED PFV DONOR DNA (NON-TRANSFERRED STRAND)'
3 polymer 'NUCLEOTIDE PREPROCESSED PFV DONOR DNA (TRANSFERRED STRAND)'
4 non-polymer 'ZINC ION'
5 non-polymer GLYCEROL
6 non-polymer 'MAGNESIUM ION'
7 non-polymer 'SULFATE ION'
8 non-polymer "(3R)-8-[(3-chloro-4-fluorophenyl)methyl]-6-hydroxy-1,5,7-trioxo-1,2',3',5,7,8,9,10-octahydro-2H-spiro[imidazo[5,1-a][2,6]naphthyridine-3,1'-indene]-7'-carbonitrile"
9 water water
#
loop_
_entity_poly.entity_id
_entity_poly.type
_entity_poly.pdbx_seq_one_letter_code
_entity_poly.pdbx_strand_id
1 'polypeptide(L)'
;GPGCNTKKPNLDAELDQLLQGHYIKGYPKQYTYFLEDGKVKVSRPEGVKIIPPQSDRQKIVLQAHNLAHTGREATLLKIA
NLYWWPNMRKDVVKQLGRCQQCLITNASNKASGPILRPDRPQKPFDKFFIDYIGPLPPSQGYLYVLVVVDGMTGFTWLYP
TKAPSTSATVKSLNVLTSIAIPKVIHSDQGAAFTSSTFAEWAKERGIHLEFSTPYHPQSSGKVERKNSDIKRLLTKLLVG
RPTKWYDLLPVVQLALNNTYSPVLKYTPHQLLFGIDSNTPFANQDTLDLTREEELSLLQEIRTSLYHPSTPPASSRSWSP
VVGQLVQERVARPASLRPRWHKPSTVLKVLNPRTVVILDHLGNNRTVSIDNLKPTSHQNGTTNDTATMDHLEKNE
;
A,B
2 'polydeoxyribonucleotide' (DA)(DT)(DT)(DG)(DT)(DC)(DA)(DT)(DG)(DG)(DA)(DA)(DT)(DT)(DT)(DC)(DG)(DC)(DA) C
3 'polydeoxyribonucleotide' (DT)(DG)(DC)(DG)(DA)(DA)(DA)(DT)(DT)(DC)(DC)(DA)(DT)(DG)(DA)(DC)(DA) D
#
loop_
_chem_comp.id
_chem_comp.type
_chem_comp.name
_chem_comp.formula
8G1 non-polymer (3R)-8-[(3-chloro-4-fluorophenyl)methyl]-6-hydroxy-1,5,7-trioxo-1,2',3',5,7,8,9,10-octahydro-2H-spiro[imidazo[5,1-a][2,6]naphthyridine-3,1'-indene]-7'-carbonitrile 'C26 H18 Cl F N4 O4'
DA DNA linking 2'-DEOXYADENOSINE-5'-MONOPHOSPHATE 'C10 H14 N5 O6 P'
DC DNA linking 2'-DEOXYCYTIDINE-5'-MONOPHOSPHATE 'C9 H14 N3 O7 P'
DG DNA linking 2'-DEOXYGUANOSINE-5'-MONOPHOSPHATE 'C10 H14 N5 O7 P'
DT DNA linking THYMIDINE-5'-MONOPHOSPHATE 'C10 H15 N2 O8 P'
GOL non-polymer GLYCEROL 'C3 H8 O3'
MG non-polymer 'MAGNESIUM ION' 'Mg 2'
SO4 non-polymer 'SULFATE ION' 'O4 S -2'
ZN non-polymer 'ZINC ION' 'Zn 2'
#
# COMPACT_ATOMS: atom_id res chain seq x y z
N LEU A 11 6.83 -19.03 58.46
CA LEU A 11 8.04 -19.76 58.85
C LEU A 11 8.63 -19.27 60.20
N ASP A 12 7.95 -19.62 61.31
CA ASP A 12 8.36 -19.29 62.69
C ASP A 12 9.46 -20.26 63.16
N ALA A 13 9.57 -21.44 62.49
CA ALA A 13 10.56 -22.48 62.75
C ALA A 13 11.95 -21.99 62.31
N GLU A 14 12.02 -21.40 61.11
CA GLU A 14 13.23 -20.81 60.49
C GLU A 14 13.77 -19.67 61.35
N LEU A 15 12.86 -18.82 61.88
CA LEU A 15 13.20 -17.68 62.73
C LEU A 15 13.56 -18.09 64.16
N ASP A 16 13.13 -19.30 64.61
CA ASP A 16 13.42 -19.81 65.96
C ASP A 16 14.93 -20.08 66.12
N GLN A 17 15.53 -20.83 65.16
CA GLN A 17 16.96 -21.18 65.12
C GLN A 17 17.84 -19.93 65.03
N LEU A 18 17.30 -18.87 64.44
CA LEU A 18 17.93 -17.56 64.25
C LEU A 18 18.11 -16.86 65.59
N LEU A 19 17.05 -16.84 66.43
CA LEU A 19 17.05 -16.22 67.75
C LEU A 19 18.04 -16.94 68.69
N GLN A 20 18.14 -18.29 68.54
CA GLN A 20 19.05 -19.17 69.30
C GLN A 20 20.50 -18.77 69.00
N GLY A 21 20.79 -18.48 67.73
CA GLY A 21 22.10 -18.04 67.27
C GLY A 21 22.76 -18.85 66.18
N HIS A 22 22.12 -19.94 65.68
CA HIS A 22 22.74 -20.74 64.62
C HIS A 22 22.34 -20.30 63.20
N TYR A 23 23.37 -20.14 62.33
CA TYR A 23 23.32 -19.70 60.92
C TYR A 23 22.24 -20.34 60.05
N ILE A 24 21.52 -19.48 59.26
CA ILE A 24 20.49 -19.84 58.27
C ILE A 24 20.88 -19.15 56.96
N LYS A 25 20.97 -19.92 55.83
CA LYS A 25 21.35 -19.39 54.52
C LYS A 25 20.45 -18.23 54.10
N GLY A 26 21.08 -17.07 53.91
CA GLY A 26 20.43 -15.83 53.52
C GLY A 26 20.51 -14.76 54.58
N TYR A 27 20.68 -15.15 55.84
CA TYR A 27 20.78 -14.26 57.00
C TYR A 27 22.24 -14.04 57.38
N PRO A 28 22.83 -12.83 57.13
CA PRO A 28 24.24 -12.60 57.51
C PRO A 28 24.49 -12.87 59.00
N LYS A 29 25.56 -13.65 59.32
CA LYS A 29 25.89 -14.01 60.70
C LYS A 29 26.43 -12.85 61.52
N GLN A 30 26.96 -11.81 60.85
CA GLN A 30 27.53 -10.63 61.50
C GLN A 30 26.48 -9.68 62.15
N TYR A 31 25.18 -10.01 62.06
CA TYR A 31 24.11 -9.19 62.63
C TYR A 31 23.45 -9.81 63.85
N THR A 32 22.90 -8.98 64.73
CA THR A 32 22.23 -9.42 65.96
C THR A 32 20.73 -9.48 65.79
N TYR A 33 20.20 -10.72 65.78
CA TYR A 33 18.79 -11.05 65.65
C TYR A 33 18.21 -11.27 67.04
N PHE A 34 17.16 -10.52 67.40
CA PHE A 34 16.53 -10.60 68.70
C PHE A 34 15.02 -10.55 68.67
N LEU A 35 14.37 -10.82 69.83
CA LEU A 35 12.92 -10.77 69.96
C LEU A 35 12.56 -9.53 70.78
N GLU A 36 11.52 -8.81 70.34
CA GLU A 36 11.01 -7.58 70.96
C GLU A 36 9.57 -7.41 70.50
N ASP A 37 8.67 -6.96 71.39
CA ASP A 37 7.24 -6.72 71.11
C ASP A 37 6.54 -7.90 70.40
N GLY A 38 7.00 -9.12 70.70
CA GLY A 38 6.47 -10.37 70.15
C GLY A 38 6.79 -10.59 68.68
N LYS A 39 7.95 -10.09 68.22
CA LYS A 39 8.38 -10.24 66.82
C LYS A 39 9.92 -10.23 66.67
N VAL A 40 10.43 -11.02 65.69
CA VAL A 40 11.87 -11.13 65.40
C VAL A 40 12.33 -9.82 64.74
N LYS A 41 13.39 -9.20 65.30
CA LYS A 41 13.98 -7.95 64.83
C LYS A 41 15.46 -8.15 64.52
N VAL A 42 16.09 -7.17 63.87
CA VAL A 42 17.50 -7.16 63.50
C VAL A 42 18.04 -5.74 63.47
N SER A 43 19.24 -5.51 64.03
CA SER A 43 19.81 -4.19 64.01
C SER A 43 20.72 -4.13 62.79
N ARG A 44 20.25 -3.41 61.77
CA ARG A 44 20.95 -3.24 60.51
C ARG A 44 21.50 -1.81 60.39
N PRO A 45 22.46 -1.52 59.48
CA PRO A 45 23.00 -0.15 59.40
C PRO A 45 21.92 0.93 59.33
N GLU A 46 20.90 0.74 58.46
CA GLU A 46 19.79 1.66 58.26
C GLU A 46 18.97 1.87 59.55
N GLY A 47 18.87 0.81 60.36
CA GLY A 47 18.13 0.82 61.62
C GLY A 47 17.58 -0.54 61.97
N VAL A 48 16.76 -0.59 63.02
CA VAL A 48 16.17 -1.84 63.48
C VAL A 48 14.95 -2.14 62.61
N LYS A 49 14.95 -3.31 61.95
CA LYS A 49 13.87 -3.75 61.08
C LYS A 49 13.26 -5.07 61.58
N ILE A 50 11.96 -5.25 61.33
CA ILE A 50 11.24 -6.44 61.73
C ILE A 50 11.48 -7.52 60.66
N ILE A 51 11.79 -8.75 61.07
CA ILE A 51 11.97 -9.83 60.12
C ILE A 51 10.66 -10.61 60.15
N PRO A 52 9.78 -10.49 59.13
CA PRO A 52 8.54 -11.26 59.18
C PRO A 52 8.77 -12.72 58.78
N PRO A 53 7.96 -13.69 59.29
CA PRO A 53 8.17 -15.09 58.86
C PRO A 53 7.82 -15.21 57.37
N GLN A 54 8.51 -16.10 56.61
CA GLN A 54 8.29 -16.29 55.16
C GLN A 54 6.78 -16.39 54.81
N SER A 55 5.95 -16.88 55.77
CA SER A 55 4.50 -17.04 55.62
C SER A 55 3.72 -15.71 55.56
N ASP A 56 4.37 -14.60 55.94
CA ASP A 56 3.79 -13.26 55.99
C ASP A 56 4.24 -12.31 54.89
N ARG A 57 5.41 -12.60 54.29
CA ARG A 57 6.06 -11.78 53.26
C ARG A 57 5.22 -11.52 52.01
N GLN A 58 4.51 -12.51 51.46
CA GLN A 58 3.68 -12.30 50.27
C GLN A 58 2.62 -11.21 50.49
N LYS A 59 1.97 -11.20 51.66
CA LYS A 59 0.92 -10.24 52.06
C LYS A 59 1.50 -8.84 52.22
N ILE A 60 2.74 -8.74 52.76
CA ILE A 60 3.46 -7.49 52.99
C ILE A 60 3.82 -6.83 51.65
N VAL A 61 4.44 -7.61 50.74
CA VAL A 61 4.85 -7.15 49.41
C VAL A 61 3.64 -6.64 48.66
N LEU A 62 2.54 -7.40 48.70
CA LEU A 62 1.30 -7.05 48.06
C LEU A 62 0.67 -5.80 48.70
N GLN A 63 0.77 -5.62 50.02
CA GLN A 63 0.22 -4.45 50.70
C GLN A 63 0.98 -3.20 50.27
N ALA A 64 2.31 -3.26 50.24
CA ALA A 64 3.18 -2.16 49.83
C ALA A 64 2.91 -1.80 48.37
N HIS A 65 2.90 -2.81 47.47
CA HIS A 65 2.67 -2.59 46.05
C HIS A 65 1.34 -1.95 45.76
N ASN A 66 0.27 -2.43 46.42
CA ASN A 66 -1.11 -1.99 46.20
C ASN A 66 -1.43 -0.57 46.59
N LEU A 67 -0.56 0.11 47.35
CA LEU A 67 -0.78 1.50 47.78
C LEU A 67 -0.93 2.41 46.57
N ALA A 68 -0.02 2.29 45.57
CA ALA A 68 -0.07 3.09 44.34
C ALA A 68 0.31 2.26 43.13
N HIS A 69 0.31 0.91 43.26
CA HIS A 69 0.66 -0.06 42.22
C HIS A 69 2.03 0.31 41.62
N THR A 70 3.01 0.45 42.53
CA THR A 70 4.38 0.85 42.26
C THR A 70 5.26 -0.28 41.73
N GLY A 71 6.33 0.10 41.02
CA GLY A 71 7.32 -0.81 40.47
C GLY A 71 8.28 -1.31 41.52
N ARG A 72 9.42 -1.88 41.10
CA ARG A 72 10.41 -2.49 41.97
C ARG A 72 10.94 -1.62 43.08
N GLU A 73 11.62 -0.52 42.77
CA GLU A 73 12.21 0.37 43.76
C GLU A 73 11.22 1.12 44.62
N ALA A 74 10.18 1.72 44.03
CA ALA A 74 9.17 2.45 44.79
C ALA A 74 8.42 1.53 45.78
N THR A 75 8.14 0.26 45.40
CA THR A 75 7.50 -0.76 46.27
C THR A 75 8.53 -1.16 47.34
N LEU A 76 9.77 -1.47 46.94
CA LEU A 76 10.77 -1.85 47.93
C LEU A 76 11.03 -0.78 49.01
N LEU A 77 11.13 0.51 48.61
CA LEU A 77 11.39 1.62 49.55
C LEU A 77 10.34 1.74 50.64
N LYS A 78 9.10 1.34 50.35
CA LYS A 78 8.04 1.32 51.35
C LYS A 78 8.30 0.15 52.28
N ILE A 79 8.51 -1.06 51.74
CA ILE A 79 8.76 -2.26 52.55
C ILE A 79 9.94 -2.03 53.51
N ALA A 80 11.11 -1.60 52.96
CA ALA A 80 12.34 -1.33 53.71
C ALA A 80 12.17 -0.35 54.88
N ASN A 81 11.03 0.35 54.96
CA ASN A 81 10.78 1.29 56.04
C ASN A 81 10.54 0.58 57.37
N LEU A 82 9.87 -0.58 57.33
CA LEU A 82 9.56 -1.37 58.51
C LEU A 82 10.25 -2.72 58.58
N TYR A 83 10.44 -3.39 57.44
CA TYR A 83 11.01 -4.73 57.40
C TYR A 83 12.33 -4.92 56.69
N TRP A 84 12.89 -6.11 56.91
CA TRP A 84 14.10 -6.66 56.32
C TRP A 84 13.94 -8.18 56.27
N TRP A 85 14.37 -8.78 55.17
CA TRP A 85 14.40 -10.21 54.93
C TRP A 85 15.33 -10.54 53.76
N PRO A 86 15.89 -11.77 53.63
CA PRO A 86 16.81 -12.04 52.52
C PRO A 86 16.12 -11.95 51.16
N ASN A 87 16.82 -11.30 50.20
CA ASN A 87 16.43 -11.10 48.81
C ASN A 87 15.00 -10.57 48.64
N MET A 88 14.73 -9.39 49.24
CA MET A 88 13.45 -8.70 49.21
C MET A 88 12.94 -8.38 47.79
N ARG A 89 13.82 -7.87 46.91
CA ARG A 89 13.46 -7.53 45.54
C ARG A 89 13.00 -8.74 44.72
N LYS A 90 13.52 -9.95 45.05
CA LYS A 90 13.13 -11.19 44.36
C LYS A 90 11.65 -11.42 44.61
N ASP A 91 11.20 -11.14 45.84
CA ASP A 91 9.81 -11.26 46.26
C ASP A 91 8.96 -10.15 45.67
N VAL A 92 9.49 -8.91 45.59
CA VAL A 92 8.81 -7.73 45.01
C VAL A 92 8.50 -8.02 43.54
N VAL A 93 9.51 -8.47 42.79
CA VAL A 93 9.41 -8.82 41.37
C VAL A 93 8.41 -9.97 41.13
N LYS A 94 8.29 -10.94 42.08
CA LYS A 94 7.34 -12.04 41.95
C LYS A 94 5.94 -11.45 41.94
N GLN A 95 5.66 -10.48 42.84
CA GLN A 95 4.36 -9.80 42.89
C GLN A 95 4.10 -8.90 41.70
N LEU A 96 5.13 -8.17 41.22
CA LEU A 96 4.98 -7.27 40.06
C LEU A 96 4.57 -8.04 38.82
N GLY A 97 5.20 -9.21 38.59
CA GLY A 97 4.93 -10.09 37.47
C GLY A 97 3.62 -10.84 37.53
N ARG A 98 2.91 -10.79 38.69
CA ARG A 98 1.60 -11.43 38.93
C ARG A 98 0.48 -10.41 39.06
N CYS A 99 0.80 -9.10 39.01
CA CYS A 99 -0.22 -8.07 39.11
C CYS A 99 -0.74 -7.76 37.72
N GLN A 100 -1.94 -8.25 37.42
CA GLN A 100 -2.58 -8.08 36.13
C GLN A 100 -2.80 -6.62 35.80
N GLN A 101 -3.14 -5.79 36.82
CA GLN A 101 -3.38 -4.35 36.64
C GLN A 101 -2.13 -3.63 36.17
N CYS A 102 -0.98 -3.95 36.74
CA CYS A 102 0.27 -3.31 36.32
C CYS A 102 0.67 -3.75 34.94
N LEU A 103 0.59 -5.07 34.68
CA LEU A 103 0.98 -5.66 33.41
C LEU A 103 0.23 -5.09 32.20
N ILE A 104 -1.07 -4.83 32.34
CA ILE A 104 -1.87 -4.32 31.23
C ILE A 104 -1.89 -2.77 31.19
N THR A 105 -1.61 -2.08 32.29
CA THR A 105 -1.62 -0.61 32.34
C THR A 105 -0.25 0.04 32.12
N ASN A 106 0.83 -0.50 32.68
CA ASN A 106 2.15 0.10 32.50
C ASN A 106 2.62 0.15 31.07
N ALA A 107 3.53 1.08 30.81
CA ALA A 107 4.11 1.29 29.49
C ALA A 107 5.34 0.40 29.38
N SER A 108 5.84 0.22 28.17
CA SER A 108 7.04 -0.55 27.92
C SER A 108 8.23 0.39 28.07
N ASN A 109 9.41 -0.15 28.33
CA ASN A 109 10.59 0.67 28.40
C ASN A 109 11.68 0.02 27.54
N LYS A 110 11.24 -0.82 26.58
CA LYS A 110 12.08 -1.52 25.62
C LYS A 110 11.56 -1.14 24.24
N ALA A 111 12.42 -0.57 23.39
CA ALA A 111 12.07 -0.18 22.04
C ALA A 111 12.03 -1.41 21.11
N SER A 112 11.30 -1.32 19.98
CA SER A 112 11.26 -2.42 19.01
C SER A 112 12.64 -2.50 18.33
N GLY A 113 12.96 -3.66 17.76
CA GLY A 113 14.21 -3.85 17.04
C GLY A 113 14.21 -2.99 15.78
N PRO A 114 15.40 -2.82 15.13
CA PRO A 114 15.47 -1.96 13.93
C PRO A 114 14.58 -2.38 12.78
N ILE A 115 14.00 -1.42 12.05
CA ILE A 115 13.08 -1.70 10.95
C ILE A 115 13.75 -2.51 9.83
N LEU A 116 12.95 -3.27 9.09
CA LEU A 116 13.37 -4.04 7.93
C LEU A 116 13.20 -3.10 6.72
N ARG A 117 14.06 -3.18 5.71
CA ARG A 117 13.88 -2.37 4.51
C ARG A 117 13.57 -3.40 3.43
N PRO A 118 12.28 -3.82 3.25
CA PRO A 118 11.98 -4.86 2.26
C PRO A 118 12.53 -4.56 0.90
N ASP A 119 12.97 -5.58 0.16
CA ASP A 119 13.48 -5.36 -1.20
C ASP A 119 12.44 -4.66 -2.07
N ARG A 120 12.92 -3.77 -2.94
CA ARG A 120 12.07 -3.05 -3.86
C ARG A 120 11.53 -4.11 -4.82
N PRO A 121 10.20 -4.14 -5.12
CA PRO A 121 9.71 -5.13 -6.12
C PRO A 121 10.58 -5.04 -7.37
N GLN A 122 10.90 -6.18 -8.00
CA GLN A 122 11.79 -6.20 -9.16
C GLN A 122 11.28 -5.50 -10.41
N LYS A 123 9.98 -5.63 -10.70
CA LYS A 123 9.41 -5.07 -11.90
C LYS A 123 8.17 -4.19 -11.61
N PRO A 124 7.80 -3.28 -12.55
CA PRO A 124 6.55 -2.55 -12.36
C PRO A 124 5.45 -3.61 -12.46
N PHE A 125 4.37 -3.43 -11.72
CA PHE A 125 3.17 -4.29 -11.64
C PHE A 125 3.39 -5.54 -10.78
N ASP A 126 4.58 -5.71 -10.16
CA ASP A 126 4.78 -6.85 -9.28
C ASP A 126 3.97 -6.64 -8.01
N LYS A 127 3.99 -5.41 -7.46
CA LYS A 127 3.24 -5.09 -6.24
C LYS A 127 2.71 -3.66 -6.25
N PHE A 128 1.43 -3.51 -5.94
CA PHE A 128 0.77 -2.21 -5.81
C PHE A 128 0.56 -2.00 -4.33
N PHE A 129 0.63 -0.75 -3.86
CA PHE A 129 0.34 -0.38 -2.47
C PHE A 129 -0.86 0.56 -2.63
N ILE A 130 -1.98 0.21 -2.02
CA ILE A 130 -3.21 0.99 -2.13
C ILE A 130 -3.64 1.48 -0.75
N ASP A 131 -4.27 2.65 -0.71
CA ASP A 131 -4.71 3.24 0.56
C ASP A 131 -5.62 4.39 0.26
N TYR A 132 -6.39 4.82 1.25
CA TYR A 132 -7.29 5.95 1.15
C TYR A 132 -6.78 7.17 1.92
N ILE A 133 -7.09 8.36 1.40
CA ILE A 133 -6.81 9.65 2.02
C ILE A 133 -8.23 10.22 2.22
N GLY A 134 -8.49 10.77 3.39
CA GLY A 134 -9.79 11.36 3.67
C GLY A 134 -10.33 11.04 5.05
N PRO A 135 -11.48 11.63 5.44
CA PRO A 135 -12.31 12.57 4.66
C PRO A 135 -11.63 13.91 4.46
N LEU A 136 -11.76 14.44 3.26
CA LEU A 136 -11.20 15.72 2.86
C LEU A 136 -12.37 16.74 2.80
N PRO A 137 -12.14 18.07 2.75
CA PRO A 137 -13.30 18.98 2.61
C PRO A 137 -14.10 18.51 1.38
N PRO A 138 -15.45 18.40 1.40
CA PRO A 138 -16.15 17.95 0.19
C PRO A 138 -15.78 18.78 -1.05
N SER A 139 -15.61 18.09 -2.19
CA SER A 139 -15.28 18.67 -3.48
C SER A 139 -16.03 17.86 -4.54
N GLN A 140 -17.08 18.46 -5.14
CA GLN A 140 -17.94 17.86 -6.15
C GLN A 140 -18.66 16.60 -5.62
N GLY A 141 -18.87 16.57 -4.30
CA GLY A 141 -19.53 15.45 -3.63
C GLY A 141 -18.56 14.37 -3.20
N TYR A 142 -17.27 14.56 -3.54
CA TYR A 142 -16.18 13.65 -3.23
C TYR A 142 -15.50 14.03 -1.91
N LEU A 143 -15.13 13.01 -1.14
CA LEU A 143 -14.49 13.18 0.17
C LEU A 143 -13.19 12.41 0.30
N TYR A 144 -13.01 11.34 -0.48
CA TYR A 144 -11.81 10.52 -0.37
C TYR A 144 -11.00 10.41 -1.66
N VAL A 145 -9.74 9.94 -1.55
CA VAL A 145 -8.85 9.73 -2.67
C VAL A 145 -8.29 8.32 -2.51
N LEU A 146 -8.42 7.48 -3.55
CA LEU A 146 -7.83 6.15 -3.54
C LEU A 146 -6.46 6.39 -4.19
N VAL A 147 -5.42 6.02 -3.49
CA VAL A 147 -4.05 6.17 -3.94
C VAL A 147 -3.50 4.79 -4.23
N VAL A 148 -3.01 4.59 -5.46
CA VAL A 148 -2.42 3.33 -5.90
C VAL A 148 -0.96 3.61 -6.31
N VAL A 149 0.02 3.05 -5.58
CA VAL A 149 1.45 3.26 -5.85
C VAL A 149 2.13 1.96 -6.35
N ASP A 150 2.75 1.99 -7.52
CA ASP A 150 3.47 0.81 -7.97
C ASP A 150 4.77 0.76 -7.13
N GLY A 151 5.02 -0.38 -6.50
CA GLY A 151 6.18 -0.56 -5.63
C GLY A 151 7.54 -0.34 -6.25
N MET A 152 7.75 -0.82 -7.47
CA MET A 152 9.05 -0.67 -8.13
C MET A 152 9.30 0.76 -8.54
N THR A 153 8.41 1.31 -9.34
CA THR A 153 8.52 2.64 -9.94
C THR A 153 8.16 3.83 -9.05
N GLY A 154 7.17 3.66 -8.17
CA GLY A 154 6.66 4.75 -7.36
C GLY A 154 5.53 5.45 -8.11
N PHE A 155 5.22 5.01 -9.36
CA PHE A 155 4.17 5.56 -10.20
C PHE A 155 2.83 5.42 -9.48
N THR A 156 2.08 6.54 -9.36
CA THR A 156 0.84 6.69 -8.63
C THR A 156 -0.33 7.05 -9.51
N TRP A 157 -1.48 6.47 -9.18
CA TRP A 157 -2.78 6.69 -9.81
C TRP A 157 -3.69 7.19 -8.70
N LEU A 158 -4.45 8.27 -8.96
CA LEU A 158 -5.37 8.90 -7.99
C LEU A 158 -6.80 8.86 -8.47
N TYR A 159 -7.71 8.43 -7.59
CA TYR A 159 -9.13 8.32 -7.88
C TYR A 159 -9.97 8.96 -6.79
N PRO A 160 -10.79 10.00 -7.13
CA PRO A 160 -11.65 10.61 -6.11
C PRO A 160 -12.84 9.69 -5.79
N THR A 161 -13.14 9.49 -4.50
CA THR A 161 -14.29 8.67 -4.11
C THR A 161 -15.20 9.41 -3.11
N LYS A 162 -16.44 8.93 -2.98
CA LYS A 162 -17.43 9.48 -2.05
C LYS A 162 -17.34 8.74 -0.70
N ALA A 163 -16.67 7.56 -0.67
CA ALA A 163 -16.46 6.73 0.52
C ALA A 163 -15.26 5.78 0.37
N PRO A 164 -14.58 5.35 1.46
CA PRO A 164 -13.48 4.37 1.30
C PRO A 164 -14.13 2.97 1.27
N SER A 165 -14.91 2.69 0.22
CA SER A 165 -15.67 1.45 0.05
C SER A 165 -15.08 0.45 -0.95
N THR A 166 -15.57 -0.82 -0.88
CA THR A 166 -15.16 -1.87 -1.79
C THR A 166 -15.61 -1.44 -3.18
N SER A 167 -16.90 -1.06 -3.33
CA SER A 167 -17.46 -0.63 -4.61
C SER A 167 -16.63 0.44 -5.33
N ALA A 168 -16.21 1.50 -4.59
CA ALA A 168 -15.41 2.60 -5.13
C ALA A 168 -13.99 2.12 -5.48
N THR A 169 -13.41 1.20 -4.66
CA THR A 169 -12.09 0.63 -4.91
C THR A 169 -12.16 -0.21 -6.21
N VAL A 170 -13.16 -1.10 -6.31
CA VAL A 170 -13.36 -1.98 -7.47
C VAL A 170 -13.54 -1.14 -8.76
N LYS A 171 -14.43 -0.13 -8.74
CA LYS A 171 -14.66 0.75 -9.89
C LYS A 171 -13.34 1.38 -10.38
N SER A 172 -12.54 1.93 -9.44
CA SER A 172 -11.25 2.57 -9.70
C SER A 172 -10.22 1.58 -10.24
N LEU A 173 -10.10 0.41 -9.59
CA LEU A 173 -9.15 -0.62 -9.97
C LEU A 173 -9.51 -1.30 -11.31
N ASN A 174 -10.79 -1.37 -11.69
CA ASN A 174 -11.17 -1.89 -13.00
C ASN A 174 -10.70 -0.91 -14.11
N VAL A 175 -10.61 0.40 -13.80
CA VAL A 175 -10.13 1.42 -14.75
C VAL A 175 -8.59 1.29 -14.88
N LEU A 176 -7.91 1.21 -13.74
CA LEU A 176 -6.46 1.07 -13.70
C LEU A 176 -5.97 -0.21 -14.34
N THR A 177 -6.61 -1.36 -14.00
CA THR A 177 -6.19 -2.69 -14.50
C THR A 177 -6.47 -2.88 -16.00
N SER A 178 -6.96 -1.83 -16.69
CA SER A 178 -7.16 -1.84 -18.14
C SER A 178 -5.78 -1.72 -18.74
N ILE A 179 -4.84 -1.09 -18.01
CA ILE A 179 -3.49 -0.87 -18.49
C ILE A 179 -2.65 -2.13 -18.24
N ALA A 180 -2.66 -2.68 -17.02
CA ALA A 180 -1.91 -3.88 -16.66
C ALA A 180 -2.43 -4.42 -15.34
N ILE A 181 -2.32 -5.76 -15.16
CA ILE A 181 -2.77 -6.42 -13.94
C ILE A 181 -1.56 -6.68 -13.04
N PRO A 182 -1.64 -6.31 -11.72
CA PRO A 182 -0.50 -6.54 -10.82
C PRO A 182 -0.46 -7.96 -10.23
N LYS A 183 0.73 -8.47 -9.84
CA LYS A 183 0.81 -9.81 -9.22
C LYS A 183 0.16 -9.73 -7.82
N VAL A 184 0.58 -8.72 -7.04
CA VAL A 184 0.13 -8.49 -5.66
C VAL A 184 -0.43 -7.06 -5.48
N ILE A 185 -1.42 -6.93 -4.56
CA ILE A 185 -2.01 -5.69 -4.11
C ILE A 185 -1.83 -5.71 -2.59
N HIS A 186 -0.96 -4.81 -2.08
CA HIS A 186 -0.73 -4.70 -0.65
C HIS A 186 -1.60 -3.58 -0.12
N SER A 187 -2.30 -3.84 0.98
CA SER A 187 -3.12 -2.82 1.61
C SER A 187 -3.18 -3.06 3.09
N ASP A 188 -3.71 -2.07 3.83
CA ASP A 188 -3.91 -2.18 5.28
C ASP A 188 -5.22 -2.98 5.49
N GLN A 189 -5.68 -3.10 6.75
CA GLN A 189 -6.90 -3.86 7.02
C GLN A 189 -8.17 -2.97 7.08
N GLY A 190 -8.23 -1.99 6.20
CA GLY A 190 -9.41 -1.15 6.05
C GLY A 190 -10.53 -1.99 5.47
N ALA A 191 -11.79 -1.75 5.94
CA ALA A 191 -13.01 -2.45 5.51
C ALA A 191 -13.13 -2.66 4.02
N ALA A 192 -12.78 -1.65 3.21
CA ALA A 192 -12.84 -1.67 1.74
C ALA A 192 -12.01 -2.77 1.07
N PHE A 193 -10.87 -3.14 1.69
CA PHE A 193 -9.89 -4.10 1.17
C PHE A 193 -9.98 -5.51 1.73
N THR A 194 -10.54 -5.66 2.95
CA THR A 194 -10.68 -6.95 3.64
C THR A 194 -12.02 -7.64 3.33
N SER A 195 -12.95 -6.94 2.65
CA SER A 195 -14.27 -7.50 2.30
C SER A 195 -14.15 -8.71 1.36
N SER A 196 -15.11 -9.67 1.45
CA SER A 196 -15.14 -10.87 0.61
C SER A 196 -15.38 -10.52 -0.87
N THR A 197 -16.08 -9.37 -1.14
CA THR A 197 -16.35 -8.85 -2.49
C THR A 197 -15.04 -8.42 -3.17
N PHE A 198 -14.09 -7.87 -2.38
CA PHE A 198 -12.79 -7.44 -2.89
C PHE A 198 -11.89 -8.66 -3.11
N ALA A 199 -11.95 -9.65 -2.20
CA ALA A 199 -11.17 -10.90 -2.28
C ALA A 199 -11.56 -11.65 -3.58
N GLU A 200 -12.88 -11.66 -3.87
CA GLU A 200 -13.54 -12.27 -5.03
C GLU A 200 -13.10 -11.55 -6.30
N TRP A 201 -13.07 -10.19 -6.26
CA TRP A 201 -12.62 -9.33 -7.36
C TRP A 201 -11.15 -9.64 -7.74
N ALA A 202 -10.28 -9.88 -6.73
CA ALA A 202 -8.87 -10.19 -6.93
C ALA A 202 -8.63 -11.62 -7.45
N LYS A 203 -9.35 -12.62 -6.87
CA LYS A 203 -9.27 -14.05 -7.24
C LYS A 203 -9.62 -14.16 -8.72
N GLU A 204 -10.76 -13.53 -9.12
CA GLU A 204 -11.30 -13.42 -10.46
C GLU A 204 -10.22 -12.95 -11.47
N ARG A 205 -9.18 -12.21 -11.00
CA ARG A 205 -8.11 -11.64 -11.83
C ARG A 205 -6.71 -12.22 -11.60
N GLY A 206 -6.56 -13.16 -10.69
CA GLY A 206 -5.26 -13.76 -10.42
C GLY A 206 -4.34 -12.91 -9.57
N ILE A 207 -4.91 -11.91 -8.90
CA ILE A 207 -4.20 -10.97 -8.03
C ILE A 207 -4.19 -11.50 -6.60
N HIS A 208 -3.00 -11.55 -5.97
CA HIS A 208 -2.86 -11.98 -4.57
C HIS A 208 -3.00 -10.76 -3.63
N LEU A 209 -3.87 -10.85 -2.63
CA LEU A 209 -4.08 -9.77 -1.66
C LEU A 209 -3.18 -10.01 -0.47
N GLU A 210 -2.33 -9.03 -0.19
CA GLU A 210 -1.39 -9.05 0.90
C GLU A 210 -1.87 -7.97 1.84
N PHE A 211 -1.92 -8.28 3.14
CA PHE A 211 -2.39 -7.33 4.15
C PHE A 211 -1.32 -6.95 5.15
N SER A 212 -1.34 -5.69 5.57
CA SER A 212 -0.41 -5.17 6.56
C SER A 212 -0.83 -5.76 7.90
N THR A 213 0.11 -5.85 8.87
CA THR A 213 -0.23 -6.28 10.23
C THR A 213 -1.22 -5.19 10.72
N PRO A 214 -2.16 -5.44 11.65
CA PRO A 214 -3.12 -4.37 12.01
C PRO A 214 -2.47 -3.19 12.74
N TYR A 215 -3.02 -1.98 12.53
CA TYR A 215 -2.61 -0.71 13.14
C TYR A 215 -1.11 -0.45 13.06
N HIS A 216 -0.54 -0.63 11.84
CA HIS A 216 0.86 -0.45 11.52
C HIS A 216 1.00 0.13 10.09
N PRO A 217 0.70 1.45 9.91
CA PRO A 217 0.77 2.04 8.55
C PRO A 217 2.16 2.08 7.92
N GLN A 218 3.22 1.90 8.72
CA GLN A 218 4.60 1.83 8.24
C GLN A 218 4.76 0.67 7.24
N SER A 219 3.95 -0.39 7.42
CA SER A 219 3.91 -1.59 6.59
C SER A 219 3.46 -1.23 5.20
N SER A 220 2.56 -0.23 5.08
CA SER A 220 2.06 0.34 3.82
C SER A 220 2.89 1.63 3.50
N GLY A 221 4.08 1.76 4.11
CA GLY A 221 4.99 2.90 4.00
C GLY A 221 5.13 3.53 2.63
N LYS A 222 5.16 2.68 1.58
CA LYS A 222 5.30 3.11 0.21
C LYS A 222 4.16 4.02 -0.22
N VAL A 223 2.90 3.67 0.10
CA VAL A 223 1.73 4.50 -0.26
C VAL A 223 1.53 5.63 0.77
N GLU A 224 1.80 5.38 2.07
CA GLU A 224 1.65 6.40 3.10
C GLU A 224 2.52 7.58 2.76
N ARG A 225 3.79 7.31 2.38
CA ARG A 225 4.75 8.33 1.98
C ARG A 225 4.29 9.12 0.77
N LYS A 226 3.58 8.48 -0.15
CA LYS A 226 3.07 9.18 -1.31
C LYS A 226 1.88 10.05 -0.90
N ASN A 227 1.07 9.62 0.10
CA ASN A 227 -0.05 10.38 0.65
C ASN A 227 0.42 11.76 1.15
N SER A 228 1.62 11.83 1.74
CA SER A 228 2.22 13.07 2.24
C SER A 228 2.50 14.02 1.07
N ASP A 229 3.14 13.52 0.02
CA ASP A 229 3.45 14.31 -1.16
C ASP A 229 2.19 14.84 -1.85
N ILE A 230 1.14 14.01 -1.97
CA ILE A 230 -0.14 14.36 -2.58
C ILE A 230 -0.76 15.51 -1.81
N LYS A 231 -0.90 15.36 -0.48
CA LYS A 231 -1.47 16.38 0.39
C LYS A 231 -0.63 17.65 0.40
N ARG A 232 0.70 17.55 0.37
CA ARG A 232 1.60 18.71 0.40
C ARG A 232 1.42 19.55 -0.86
N LEU A 233 1.33 18.91 -2.07
CA LEU A 233 1.14 19.58 -3.36
C LEU A 233 -0.27 20.19 -3.48
N LEU A 234 -1.33 19.48 -3.03
CA LEU A 234 -2.70 20.00 -3.02
C LEU A 234 -2.74 21.21 -2.06
N THR A 235 -2.10 21.13 -0.89
CA THR A 235 -2.04 22.24 0.06
C THR A 235 -1.48 23.48 -0.65
N LYS A 236 -0.29 23.38 -1.29
CA LYS A 236 0.41 24.44 -2.01
C LYS A 236 -0.40 25.06 -3.14
N LEU A 237 -1.06 24.23 -3.93
CA LEU A 237 -1.87 24.67 -5.05
C LEU A 237 -3.14 25.36 -4.62
N LEU A 238 -3.64 25.05 -3.41
CA LEU A 238 -4.89 25.61 -2.88
C LEU A 238 -4.70 26.80 -1.93
N VAL A 239 -3.45 27.30 -1.75
CA VAL A 239 -3.16 28.44 -0.86
C VAL A 239 -4.00 29.64 -1.33
N GLY A 240 -4.70 30.28 -0.39
CA GLY A 240 -5.56 31.45 -0.63
C GLY A 240 -6.62 31.25 -1.69
N ARG A 241 -7.19 30.04 -1.74
CA ARG A 241 -8.24 29.63 -2.66
C ARG A 241 -9.09 28.63 -1.90
N PRO A 242 -10.37 28.43 -2.28
CA PRO A 242 -11.16 27.39 -1.60
C PRO A 242 -10.58 25.99 -1.93
N THR A 243 -10.71 25.04 -0.99
CA THR A 243 -10.18 23.68 -1.10
C THR A 243 -10.90 22.78 -2.12
N LYS A 244 -10.90 23.20 -3.40
CA LYS A 244 -11.48 22.51 -4.55
C LYS A 244 -10.38 21.61 -5.14
N TRP A 245 -10.11 20.49 -4.44
CA TRP A 245 -9.08 19.51 -4.79
C TRP A 245 -9.44 18.56 -5.93
N TYR A 246 -10.73 18.25 -6.14
CA TYR A 246 -11.20 17.32 -7.16
C TYR A 246 -10.56 17.51 -8.55
N ASP A 247 -10.58 18.76 -9.04
CA ASP A 247 -10.05 19.11 -10.35
C ASP A 247 -8.52 19.12 -10.40
N LEU A 248 -7.88 19.10 -9.22
CA LEU A 248 -6.42 19.10 -9.11
C LEU A 248 -5.82 17.69 -9.07
N LEU A 249 -6.60 16.64 -8.71
CA LEU A 249 -6.09 15.25 -8.67
C LEU A 249 -5.35 14.87 -9.96
N PRO A 250 -5.92 15.08 -11.19
CA PRO A 250 -5.16 14.75 -12.41
C PRO A 250 -3.82 15.48 -12.54
N VAL A 251 -3.80 16.77 -12.17
CA VAL A 251 -2.62 17.66 -12.21
C VAL A 251 -1.56 17.16 -11.20
N VAL A 252 -1.99 16.86 -9.97
CA VAL A 252 -1.12 16.38 -8.91
C VAL A 252 -0.53 15.04 -9.30
N GLN A 253 -1.35 14.11 -9.86
CA GLN A 253 -0.91 12.79 -10.31
C GLN A 253 0.21 12.94 -11.31
N LEU A 254 -0.04 13.71 -12.38
CA LEU A 254 0.96 13.96 -13.43
C LEU A 254 2.20 14.64 -12.87
N ALA A 255 2.03 15.65 -11.99
CA ALA A 255 3.17 16.38 -11.40
C ALA A 255 4.11 15.50 -10.61
N LEU A 256 3.55 14.68 -9.69
CA LEU A 256 4.35 13.77 -8.86
C LEU A 256 5.00 12.61 -9.64
N ASN A 257 4.28 12.05 -10.62
CA ASN A 257 4.82 10.94 -11.43
C ASN A 257 6.02 11.35 -12.26
N ASN A 258 6.17 12.67 -12.51
CA ASN A 258 7.24 13.27 -13.31
C ASN A 258 8.22 14.09 -12.45
N THR A 259 8.26 13.83 -11.13
CA THR A 259 9.12 14.49 -10.13
C THR A 259 10.28 13.59 -9.82
N TYR A 260 11.50 14.15 -9.86
CA TYR A 260 12.72 13.41 -9.56
C TYR A 260 12.82 13.06 -8.11
N SER A 261 13.37 11.88 -7.83
CA SER A 261 13.65 11.48 -6.47
C SER A 261 15.13 11.79 -6.44
N PRO A 262 15.60 12.81 -5.66
CA PRO A 262 17.03 13.14 -5.66
C PRO A 262 18.00 11.96 -5.38
N VAL A 263 17.59 10.96 -4.61
CA VAL A 263 18.42 9.78 -4.28
C VAL A 263 18.54 8.82 -5.46
N LEU A 264 17.46 8.68 -6.27
CA LEU A 264 17.44 7.78 -7.42
C LEU A 264 17.91 8.47 -8.67
N LYS A 265 17.59 9.76 -8.83
CA LYS A 265 17.94 10.57 -10.01
C LYS A 265 17.08 10.16 -11.21
N TYR A 266 15.88 9.65 -10.89
CA TYR A 266 14.85 9.20 -11.81
C TYR A 266 13.51 9.59 -11.24
N THR A 267 12.54 9.85 -12.13
CA THR A 267 11.15 10.16 -11.81
C THR A 267 10.37 8.82 -11.93
N PRO A 268 9.23 8.63 -11.21
CA PRO A 268 8.46 7.38 -11.38
C PRO A 268 8.06 7.05 -12.85
N HIS A 269 7.83 8.08 -13.68
CA HIS A 269 7.47 7.91 -15.08
C HIS A 269 8.64 7.23 -15.85
N GLN A 270 9.88 7.73 -15.64
CA GLN A 270 11.11 7.20 -16.24
C GLN A 270 11.35 5.75 -15.86
N LEU A 271 11.11 5.38 -14.59
CA LEU A 271 11.24 3.98 -14.12
C LEU A 271 10.18 3.08 -14.74
N LEU A 272 9.00 3.61 -15.05
CA LEU A 272 7.92 2.83 -15.63
C LEU A 272 8.07 2.66 -17.14
N PHE A 273 8.36 3.75 -17.87
CA PHE A 273 8.44 3.77 -19.33
C PHE A 273 9.87 3.87 -19.93
N GLY A 274 10.85 4.30 -19.16
CA GLY A 274 12.21 4.45 -19.67
C GLY A 274 12.41 5.61 -20.62
N ILE A 275 11.40 6.50 -20.70
CA ILE A 275 11.37 7.68 -21.57
C ILE A 275 10.29 8.65 -21.08
N ASP A 276 10.62 9.96 -21.07
CA ASP A 276 9.71 11.02 -20.69
C ASP A 276 8.70 11.25 -21.82
N SER A 277 7.47 11.63 -21.49
CA SER A 277 6.46 11.93 -22.49
C SER A 277 6.57 13.44 -22.77
N ASN A 278 5.62 14.02 -23.51
CA ASN A 278 5.65 15.44 -23.83
C ASN A 278 5.24 16.33 -22.63
N THR A 279 6.07 16.32 -21.56
CA THR A 279 5.84 17.14 -20.37
C THR A 279 6.98 18.17 -20.30
N PRO A 280 6.86 19.28 -19.53
CA PRO A 280 7.96 20.24 -19.47
C PRO A 280 9.27 19.63 -18.98
N PHE A 281 10.39 20.10 -19.54
CA PHE A 281 11.75 19.67 -19.19
C PHE A 281 11.98 18.19 -19.36
N ALA A 282 11.40 17.60 -20.42
CA ALA A 282 11.56 16.18 -20.71
C ALA A 282 13.04 15.86 -20.98
N ASN A 283 13.53 14.75 -20.44
CA ASN A 283 14.90 14.31 -20.61
C ASN A 283 15.10 13.82 -22.06
N GLN A 284 16.14 14.30 -22.75
CA GLN A 284 16.45 13.99 -24.15
C GLN A 284 17.67 13.06 -24.36
N ASP A 285 18.25 12.52 -23.28
CA ASP A 285 19.45 11.68 -23.30
C ASP A 285 19.41 10.37 -24.10
N THR A 286 18.24 9.87 -24.49
CA THR A 286 18.17 8.61 -25.25
C THR A 286 17.59 8.79 -26.63
N LEU A 287 17.61 10.04 -27.14
CA LEU A 287 17.08 10.37 -28.46
C LEU A 287 17.65 9.55 -29.61
N ASP A 288 18.97 9.28 -29.57
CA ASP A 288 19.66 8.52 -30.62
C ASP A 288 19.63 7.00 -30.41
N LEU A 289 19.03 6.54 -29.31
CA LEU A 289 18.94 5.11 -29.04
C LEU A 289 17.66 4.58 -29.63
N THR A 290 17.64 3.30 -30.00
CA THR A 290 16.41 2.69 -30.53
C THR A 290 15.57 2.36 -29.28
N ARG A 291 14.29 2.03 -29.43
CA ARG A 291 13.50 1.70 -28.26
C ARG A 291 14.11 0.49 -27.52
N GLU A 292 14.63 -0.52 -28.27
CA GLU A 292 15.26 -1.72 -27.71
C GLU A 292 16.48 -1.36 -26.90
N GLU A 293 17.31 -0.43 -27.41
CA GLU A 293 18.52 0.05 -26.72
C GLU A 293 18.11 0.78 -25.43
N GLU A 294 17.05 1.60 -25.54
CA GLU A 294 16.45 2.36 -24.45
C GLU A 294 15.89 1.44 -23.35
N LEU A 295 15.19 0.34 -23.75
CA LEU A 295 14.61 -0.64 -22.83
C LEU A 295 15.69 -1.48 -22.14
N SER A 296 16.83 -1.65 -22.80
CA SER A 296 17.99 -2.38 -22.30
C SER A 296 18.65 -1.54 -21.21
N LEU A 297 18.75 -0.22 -21.42
CA LEU A 297 19.31 0.73 -20.44
C LEU A 297 18.35 0.84 -19.24
N LEU A 298 17.03 0.80 -19.48
CA LEU A 298 16.01 0.86 -18.42
C LEU A 298 16.07 -0.38 -17.51
N GLN A 299 16.29 -1.58 -18.11
CA GLN A 299 16.40 -2.84 -17.37
C GLN A 299 17.59 -2.80 -16.45
N GLU A 300 18.67 -2.13 -16.90
CA GLU A 300 19.90 -1.93 -16.13
C GLU A 300 19.69 -0.93 -15.00
N ILE A 301 19.03 0.23 -15.28
CA ILE A 301 18.73 1.29 -14.32
C ILE A 301 17.87 0.76 -13.17
N ARG A 302 16.84 -0.05 -13.50
CA ARG A 302 15.91 -0.65 -12.52
C ARG A 302 16.61 -1.59 -11.54
N THR A 303 17.71 -2.24 -11.94
CA THR A 303 18.40 -3.18 -11.06
C THR A 303 19.46 -2.52 -10.19
N SER A 304 19.99 -1.36 -10.60
CA SER A 304 21.02 -0.67 -9.85
C SER A 304 20.53 0.48 -8.94
N LEU A 305 19.22 0.51 -8.63
CA LEU A 305 18.63 1.55 -7.78
C LEU A 305 19.12 1.40 -6.34
N TYR A 306 19.33 2.52 -5.67
CA TYR A 306 19.77 2.57 -4.29
C TYR A 306 18.79 1.84 -3.40
N HIS A 307 19.31 1.00 -2.51
CA HIS A 307 18.47 0.31 -1.56
C HIS A 307 18.99 0.54 -0.15
N PRO A 308 18.13 1.10 0.74
CA PRO A 308 18.58 1.34 2.11
C PRO A 308 18.72 0.05 2.93
N SER A 309 19.55 0.08 3.97
CA SER A 309 19.75 -1.09 4.83
C SER A 309 19.20 -0.80 6.21
N THR A 310 18.76 -1.85 6.95
CA THR A 310 18.23 -1.72 8.32
C THR A 310 19.16 -0.82 9.18
N PRO A 311 18.60 0.15 9.94
CA PRO A 311 19.46 1.02 10.74
C PRO A 311 20.00 0.32 12.00
N PRO A 312 20.92 0.93 12.77
CA PRO A 312 21.39 0.25 13.99
C PRO A 312 20.25 0.12 15.02
N ALA A 313 20.29 -0.98 15.81
CA ALA A 313 19.32 -1.24 16.88
C ALA A 313 19.57 -0.19 17.95
N SER A 314 18.52 0.24 18.68
CA SER A 314 18.73 1.23 19.71
C SER A 314 19.39 0.55 20.92
N SER A 315 19.86 1.31 21.93
CA SER A 315 20.54 0.70 23.09
C SER A 315 19.70 -0.34 23.83
N ARG A 316 18.39 -0.10 23.95
CA ARG A 316 17.52 -1.00 24.70
C ARG A 316 16.33 -1.49 23.92
N SER A 317 16.61 -2.23 22.83
CA SER A 317 15.60 -2.81 21.97
C SER A 317 15.34 -4.28 22.35
N TRP A 318 14.24 -4.82 21.86
CA TRP A 318 13.89 -6.20 22.12
C TRP A 318 13.53 -6.88 20.80
N SER A 319 13.86 -8.15 20.70
CA SER A 319 13.55 -8.90 19.49
C SER A 319 12.78 -10.15 19.92
N PRO A 320 11.65 -10.45 19.23
CA PRO A 320 10.81 -11.59 19.64
C PRO A 320 11.45 -12.99 19.56
N VAL A 321 11.05 -13.86 20.49
CA VAL A 321 11.51 -15.24 20.64
C VAL A 321 10.27 -16.14 20.84
N VAL A 322 10.20 -17.30 20.13
CA VAL A 322 9.09 -18.27 20.24
C VAL A 322 8.94 -18.71 21.72
N GLY A 323 7.68 -18.70 22.22
CA GLY A 323 7.37 -19.06 23.60
C GLY A 323 7.27 -17.88 24.56
N GLN A 324 7.90 -16.72 24.17
CA GLN A 324 7.95 -15.47 24.92
C GLN A 324 6.57 -14.93 25.20
N LEU A 325 6.36 -14.39 26.42
CA LEU A 325 5.10 -13.74 26.79
C LEU A 325 5.23 -12.29 26.35
N VAL A 326 4.32 -11.87 25.48
CA VAL A 326 4.25 -10.53 24.91
C VAL A 326 2.84 -10.01 25.11
N GLN A 327 2.61 -8.70 24.93
CA GLN A 327 1.27 -8.13 25.07
C GLN A 327 0.95 -7.23 23.91
N GLU A 328 -0.18 -7.46 23.27
CA GLU A 328 -0.62 -6.65 22.14
C GLU A 328 -1.22 -5.36 22.70
N ARG A 329 -0.99 -4.25 21.99
CA ARG A 329 -1.47 -2.95 22.36
C ARG A 329 -2.94 -2.84 22.06
N VAL A 330 -3.74 -2.26 22.98
CA VAL A 330 -5.18 -2.06 22.72
C VAL A 330 -5.28 -1.00 21.57
N ALA A 331 -6.01 -1.34 20.50
CA ALA A 331 -6.17 -0.50 19.31
C ALA A 331 -6.74 0.89 19.59
N ARG A 332 -7.94 0.95 20.17
CA ARG A 332 -8.59 2.22 20.49
C ARG A 332 -9.00 2.16 21.97
N PRO A 333 -8.05 2.34 22.90
CA PRO A 333 -8.40 2.22 24.32
C PRO A 333 -9.33 3.31 24.80
N ALA A 334 -10.35 2.91 25.55
CA ALA A 334 -11.30 3.86 26.08
C ALA A 334 -10.63 4.65 27.22
N SER A 335 -11.25 5.77 27.62
CA SER A 335 -10.77 6.64 28.65
C SER A 335 -10.67 5.86 29.93
N LEU A 336 -9.52 5.96 30.62
CA LEU A 336 -9.23 5.30 31.89
C LEU A 336 -9.23 3.78 31.79
N ARG A 337 -8.88 3.25 30.60
CA ARG A 337 -8.81 1.81 30.36
C ARG A 337 -7.41 1.38 29.94
N PRO A 338 -6.95 0.15 30.27
CA PRO A 338 -5.59 -0.26 29.87
C PRO A 338 -5.25 -0.14 28.38
N ARG A 339 -4.00 0.21 28.13
CA ARG A 339 -3.44 0.39 26.79
C ARG A 339 -2.88 -0.93 26.25
N TRP A 340 -2.88 -1.98 27.09
CA TRP A 340 -2.36 -3.29 26.72
C TRP A 340 -3.33 -4.41 26.98
N HIS A 341 -3.24 -5.46 26.15
CA HIS A 341 -4.05 -6.66 26.31
C HIS A 341 -3.31 -7.57 27.31
N LYS A 342 -3.98 -8.62 27.78
CA LYS A 342 -3.39 -9.60 28.71
C LYS A 342 -2.27 -10.37 27.99
N PRO A 343 -1.27 -10.93 28.69
CA PRO A 343 -0.19 -11.64 27.97
C PRO A 343 -0.67 -12.71 26.96
N SER A 344 0.13 -12.85 25.89
CA SER A 344 -0.02 -13.73 24.73
C SER A 344 1.28 -14.45 24.62
N THR A 345 1.30 -15.55 23.84
CA THR A 345 2.53 -16.31 23.63
C THR A 345 2.90 -16.20 22.17
N VAL A 346 4.20 -16.05 21.88
CA VAL A 346 4.73 -15.98 20.53
C VAL A 346 4.79 -17.42 19.96
N LEU A 347 3.93 -17.71 18.96
CA LEU A 347 3.87 -19.00 18.27
C LEU A 347 5.01 -19.08 17.27
N LYS A 348 5.05 -18.15 16.30
CA LYS A 348 6.10 -18.11 15.26
C LYS A 348 6.63 -16.70 15.08
N VAL A 349 7.94 -16.63 14.83
CA VAL A 349 8.66 -15.39 14.54
C VAL A 349 8.77 -15.37 13.01
N LEU A 350 7.82 -14.72 12.31
CA LEU A 350 7.82 -14.64 10.85
C LEU A 350 9.08 -13.99 10.30
N ASN A 351 9.57 -12.94 10.98
CA ASN A 351 10.80 -12.15 10.72
C ASN A 351 11.11 -11.38 12.02
N PRO A 352 12.24 -10.66 12.20
CA PRO A 352 12.45 -10.00 13.52
C PRO A 352 11.47 -8.87 13.88
N ARG A 353 10.59 -8.48 12.94
CA ARG A 353 9.62 -7.40 13.12
C ARG A 353 8.17 -7.82 13.05
N THR A 354 7.89 -9.10 12.70
CA THR A 354 6.52 -9.68 12.57
C THR A 354 6.44 -11.02 13.30
N VAL A 355 5.34 -11.24 14.04
CA VAL A 355 5.11 -12.48 14.80
C VAL A 355 3.69 -12.97 14.75
N VAL A 356 3.53 -14.28 15.02
CA VAL A 356 2.24 -14.94 15.15
C VAL A 356 2.11 -15.15 16.67
N ILE A 357 1.03 -14.63 17.26
CA ILE A 357 0.77 -14.74 18.69
C ILE A 357 -0.54 -15.49 18.96
N LEU A 358 -0.63 -16.12 20.14
CA LEU A 358 -1.82 -16.81 20.59
C LEU A 358 -2.28 -16.09 21.85
N ASP A 359 -3.42 -15.41 21.79
CA ASP A 359 -3.96 -14.72 22.96
C ASP A 359 -4.62 -15.73 23.95
N HIS A 360 -5.22 -15.27 25.06
CA HIS A 360 -5.88 -16.16 26.04
C HIS A 360 -7.17 -16.81 25.48
N LEU A 361 -7.78 -16.21 24.43
CA LEU A 361 -8.99 -16.70 23.75
C LEU A 361 -8.66 -17.93 22.90
N GLY A 362 -7.43 -17.97 22.40
CA GLY A 362 -6.93 -19.04 21.56
C GLY A 362 -6.87 -18.66 20.09
N ASN A 363 -6.96 -17.35 19.80
CA ASN A 363 -6.91 -16.84 18.44
C ASN A 363 -5.50 -16.54 17.98
N ASN A 364 -5.21 -16.87 16.71
CA ASN A 364 -3.93 -16.65 16.06
C ASN A 364 -3.98 -15.28 15.43
N ARG A 365 -3.00 -14.42 15.75
CA ARG A 365 -2.92 -13.06 15.22
C ARG A 365 -1.53 -12.79 14.72
N THR A 366 -1.41 -12.22 13.52
CA THR A 366 -0.11 -11.84 12.94
C THR A 366 0.01 -10.35 13.25
N VAL A 367 0.96 -10.00 14.12
CA VAL A 367 1.09 -8.62 14.56
C VAL A 367 2.50 -8.09 14.38
N SER A 368 2.64 -6.75 14.38
CA SER A 368 3.94 -6.09 14.28
C SER A 368 4.49 -5.97 15.69
N ILE A 369 5.80 -6.02 15.86
CA ILE A 369 6.36 -5.88 17.20
C ILE A 369 6.18 -4.44 17.73
N ASP A 370 5.87 -3.46 16.83
CA ASP A 370 5.61 -2.07 17.21
C ASP A 370 4.33 -2.00 18.05
N ASN A 371 3.42 -2.99 17.89
CA ASN A 371 2.18 -3.10 18.63
C ASN A 371 2.27 -4.15 19.73
N LEU A 372 3.50 -4.45 20.18
CA LEU A 372 3.79 -5.41 21.24
C LEU A 372 4.85 -4.92 22.25
N LYS A 373 4.74 -5.41 23.48
CA LYS A 373 5.71 -5.19 24.54
C LYS A 373 5.98 -6.58 25.14
N PRO A 374 7.22 -6.90 25.56
CA PRO A 374 7.43 -8.19 26.21
C PRO A 374 6.91 -8.08 27.66
N THR A 375 6.13 -9.06 28.15
CA THR A 375 5.62 -9.04 29.53
C THR A 375 6.80 -8.95 30.51
N SER A 376 6.75 -7.98 31.42
CA SER A 376 7.81 -7.74 32.40
C SER A 376 7.87 -8.78 33.47
N HIS A 377 9.05 -8.91 34.11
CA HIS A 377 9.32 -9.82 35.23
C HIS A 377 9.05 -11.28 34.85
N GLN A 378 9.38 -11.65 33.59
CA GLN A 378 9.20 -12.97 32.97
C GLN A 378 7.76 -13.47 33.01
N ASP B 119 17.90 10.81 -39.00
CA ASP B 119 16.60 10.86 -38.34
C ASP B 119 16.57 9.97 -37.08
N ARG B 120 15.98 10.51 -35.97
CA ARG B 120 15.87 9.85 -34.66
C ARG B 120 14.92 8.64 -34.66
N PRO B 121 15.25 7.53 -33.93
CA PRO B 121 14.34 6.36 -33.89
C PRO B 121 12.97 6.65 -33.26
N GLN B 122 11.94 5.93 -33.72
CA GLN B 122 10.56 6.05 -33.23
C GLN B 122 10.47 5.71 -31.72
N LYS B 123 9.68 6.46 -30.95
CA LYS B 123 9.55 6.21 -29.52
C LYS B 123 8.11 6.25 -29.02
N PRO B 124 7.78 5.63 -27.84
CA PRO B 124 6.40 5.75 -27.33
C PRO B 124 6.14 7.22 -27.02
N PHE B 125 4.87 7.68 -27.15
CA PHE B 125 4.42 9.08 -26.89
C PHE B 125 4.77 10.05 -28.01
N ASP B 126 5.42 9.59 -29.10
CA ASP B 126 5.77 10.46 -30.23
C ASP B 126 4.49 10.85 -30.97
N LYS B 127 3.57 9.90 -31.11
CA LYS B 127 2.33 10.07 -31.82
C LYS B 127 1.23 9.16 -31.29
N PHE B 128 0.06 9.75 -30.97
CA PHE B 128 -1.13 9.04 -30.53
C PHE B 128 -2.16 9.20 -31.66
N PHE B 129 -2.71 8.09 -32.14
CA PHE B 129 -3.70 8.09 -33.20
C PHE B 129 -5.02 7.87 -32.50
N ILE B 130 -5.93 8.84 -32.64
CA ILE B 130 -7.24 8.79 -32.00
C ILE B 130 -8.35 8.69 -33.04
N ASP B 131 -9.47 8.04 -32.67
CA ASP B 131 -10.63 7.90 -33.54
C ASP B 131 -11.81 7.49 -32.73
N TYR B 132 -13.03 7.63 -33.27
CA TYR B 132 -14.24 7.22 -32.57
C TYR B 132 -14.82 5.99 -33.23
N ILE B 133 -15.35 5.08 -32.40
CA ILE B 133 -16.04 3.86 -32.80
C ILE B 133 -17.48 4.03 -32.28
N GLY B 134 -18.43 3.99 -33.19
CA GLY B 134 -19.84 4.11 -32.84
C GLY B 134 -20.70 4.89 -33.82
N PRO B 135 -22.01 5.07 -33.50
CA PRO B 135 -22.71 4.63 -32.30
C PRO B 135 -22.86 3.12 -32.17
N LEU B 136 -22.69 2.62 -30.94
CA LEU B 136 -22.79 1.23 -30.53
C LEU B 136 -24.06 1.08 -29.70
N PRO B 137 -24.60 -0.13 -29.45
CA PRO B 137 -25.80 -0.23 -28.61
C PRO B 137 -25.51 0.38 -27.23
N PRO B 138 -26.47 1.08 -26.60
CA PRO B 138 -26.17 1.70 -25.30
C PRO B 138 -25.75 0.71 -24.23
N SER B 139 -24.71 1.06 -23.49
CA SER B 139 -24.15 0.27 -22.39
C SER B 139 -23.77 1.25 -21.29
N GLN B 140 -24.50 1.20 -20.15
CA GLN B 140 -24.34 2.09 -19.00
C GLN B 140 -24.46 3.58 -19.41
N GLY B 141 -25.30 3.84 -20.43
CA GLY B 141 -25.54 5.17 -20.97
C GLY B 141 -24.55 5.60 -22.04
N TYR B 142 -23.51 4.77 -22.31
CA TYR B 142 -22.47 5.06 -23.30
C TYR B 142 -22.79 4.48 -24.65
N LEU B 143 -22.41 5.20 -25.72
CA LEU B 143 -22.68 4.83 -27.11
C LEU B 143 -21.44 4.78 -28.00
N TYR B 144 -20.34 5.43 -27.59
CA TYR B 144 -19.12 5.49 -28.39
C TYR B 144 -17.91 5.05 -27.62
N VAL B 145 -16.81 4.80 -28.36
CA VAL B 145 -15.52 4.42 -27.81
C VAL B 145 -14.50 5.30 -28.51
N LEU B 146 -13.74 6.10 -27.74
CA LEU B 146 -12.66 6.90 -28.31
C LEU B 146 -11.46 5.93 -28.24
N VAL B 147 -10.81 5.68 -29.37
CA VAL B 147 -9.69 4.76 -29.47
C VAL B 147 -8.42 5.55 -29.56
N VAL B 148 -7.45 5.29 -28.67
CA VAL B 148 -6.15 5.95 -28.69
C VAL B 148 -5.11 4.82 -28.85
N VAL B 149 -4.25 4.93 -29.85
CA VAL B 149 -3.22 3.94 -30.13
C VAL B 149 -1.89 4.66 -30.22
N ASP B 150 -0.90 4.24 -29.41
CA ASP B 150 0.43 4.82 -29.51
C ASP B 150 1.04 4.26 -30.84
N GLY B 151 1.57 5.14 -31.69
CA GLY B 151 2.16 4.79 -32.98
C GLY B 151 3.33 3.82 -32.92
N MET B 152 4.30 4.08 -32.03
CA MET B 152 5.48 3.24 -31.89
C MET B 152 5.20 1.83 -31.32
N THR B 153 4.61 1.74 -30.10
CA THR B 153 4.34 0.47 -29.39
C THR B 153 3.07 -0.24 -29.84
N GLY B 154 2.08 0.51 -30.33
CA GLY B 154 0.79 -0.05 -30.71
C GLY B 154 -0.12 -0.25 -29.49
N PHE B 155 0.23 0.40 -28.33
CA PHE B 155 -0.54 0.31 -27.08
C PHE B 155 -1.86 1.04 -27.27
N THR B 156 -2.96 0.44 -26.80
CA THR B 156 -4.32 0.94 -26.93
C THR B 156 -4.95 1.33 -25.59
N TRP B 157 -5.60 2.49 -25.58
CA TRP B 157 -6.36 3.01 -24.47
C TRP B 157 -7.73 3.25 -25.11
N LEU B 158 -8.79 2.80 -24.43
CA LEU B 158 -10.18 2.92 -24.87
C LEU B 158 -10.96 3.72 -23.85
N TYR B 159 -11.81 4.65 -24.32
CA TYR B 159 -12.61 5.49 -23.45
C TYR B 159 -14.04 5.54 -23.91
N PRO B 160 -15.00 5.11 -23.05
CA PRO B 160 -16.41 5.19 -23.46
C PRO B 160 -16.91 6.63 -23.34
N THR B 161 -17.57 7.14 -24.38
CA THR B 161 -18.13 8.49 -24.41
C THR B 161 -19.63 8.38 -24.75
N LYS B 162 -20.41 9.41 -24.42
CA LYS B 162 -21.85 9.41 -24.72
C LYS B 162 -22.12 10.04 -26.09
N ALA B 163 -21.07 10.65 -26.69
CA ALA B 163 -21.10 11.32 -27.98
C ALA B 163 -19.68 11.49 -28.59
N PRO B 164 -19.58 11.68 -29.93
CA PRO B 164 -18.27 11.96 -30.55
C PRO B 164 -18.06 13.48 -30.58
N SER B 165 -18.17 14.14 -29.41
CA SER B 165 -18.04 15.59 -29.31
C SER B 165 -16.68 16.01 -28.79
N THR B 166 -16.33 17.31 -28.94
CA THR B 166 -15.07 17.88 -28.43
C THR B 166 -15.01 17.73 -26.92
N SER B 167 -16.13 17.98 -26.23
CA SER B 167 -16.25 17.89 -24.78
C SER B 167 -15.95 16.47 -24.30
N ALA B 168 -16.52 15.45 -24.98
CA ALA B 168 -16.31 14.04 -24.65
C ALA B 168 -14.85 13.64 -24.91
N THR B 169 -14.24 14.16 -25.99
CA THR B 169 -12.85 13.89 -26.37
C THR B 169 -11.93 14.49 -25.30
N VAL B 170 -12.13 15.78 -24.94
CA VAL B 170 -11.37 16.51 -23.92
C VAL B 170 -11.50 15.82 -22.53
N LYS B 171 -12.71 15.40 -22.12
CA LYS B 171 -12.90 14.74 -20.82
C LYS B 171 -12.13 13.41 -20.75
N SER B 172 -12.15 12.62 -21.84
CA SER B 172 -11.49 11.33 -21.98
C SER B 172 -9.98 11.49 -22.08
N LEU B 173 -9.51 12.41 -22.94
CA LEU B 173 -8.07 12.66 -23.13
C LEU B 173 -7.39 13.30 -21.92
N ASN B 174 -8.18 13.94 -21.00
CA ASN B 174 -7.66 14.55 -19.78
C ASN B 174 -7.26 13.45 -18.82
N VAL B 175 -7.94 12.29 -18.91
CA VAL B 175 -7.65 11.11 -18.12
C VAL B 175 -6.32 10.56 -18.65
N LEU B 176 -6.23 10.29 -19.95
CA LEU B 176 -5.00 9.78 -20.54
C LEU B 176 -3.81 10.71 -20.35
N THR B 177 -3.97 12.03 -20.60
CA THR B 177 -2.86 12.97 -20.52
C THR B 177 -2.42 13.24 -19.04
N SER B 178 -2.98 12.52 -18.05
CA SER B 178 -2.60 12.58 -16.62
C SER B 178 -1.60 11.43 -16.37
N ILE B 179 -1.44 10.56 -17.38
CA ILE B 179 -0.53 9.43 -17.37
C ILE B 179 0.62 9.79 -18.30
N ALA B 180 0.32 10.10 -19.57
CA ALA B 180 1.34 10.44 -20.55
C ALA B 180 0.82 11.40 -21.61
N ILE B 181 1.66 12.38 -21.98
CA ILE B 181 1.30 13.37 -23.00
C ILE B 181 2.00 13.06 -24.33
N PRO B 182 1.26 12.99 -25.46
CA PRO B 182 1.94 12.74 -26.73
C PRO B 182 2.48 14.04 -27.32
N LYS B 183 3.53 13.96 -28.15
CA LYS B 183 4.09 15.12 -28.82
C LYS B 183 3.08 15.53 -29.93
N VAL B 184 2.47 14.51 -30.57
CA VAL B 184 1.53 14.67 -31.67
C VAL B 184 0.32 13.77 -31.47
N ILE B 185 -0.86 14.31 -31.83
CA ILE B 185 -2.13 13.60 -31.86
C ILE B 185 -2.51 13.56 -33.35
N HIS B 186 -2.82 12.37 -33.89
CA HIS B 186 -3.21 12.19 -35.28
C HIS B 186 -4.65 11.73 -35.31
N SER B 187 -5.44 12.31 -36.20
CA SER B 187 -6.86 11.94 -36.35
C SER B 187 -7.34 12.29 -37.75
N ASP B 188 -8.57 11.87 -38.08
CA ASP B 188 -9.22 12.22 -39.34
C ASP B 188 -9.82 13.66 -39.13
N GLN B 189 -10.59 14.17 -40.09
CA GLN B 189 -11.18 15.52 -39.96
C GLN B 189 -12.56 15.49 -39.28
N GLY B 190 -12.70 14.67 -38.25
CA GLY B 190 -13.94 14.59 -37.49
C GLY B 190 -14.21 15.90 -36.78
N ALA B 191 -15.51 16.25 -36.60
CA ALA B 191 -15.93 17.52 -35.98
C ALA B 191 -15.29 17.76 -34.60
N ALA B 192 -15.23 16.72 -33.75
CA ALA B 192 -14.65 16.79 -32.43
C ALA B 192 -13.18 17.18 -32.43
N PHE B 193 -12.42 16.75 -33.45
CA PHE B 193 -10.98 16.99 -33.54
C PHE B 193 -10.59 18.23 -34.30
N THR B 194 -11.44 18.72 -35.21
CA THR B 194 -11.13 19.93 -35.99
C THR B 194 -11.65 21.24 -35.32
N SER B 195 -12.48 21.13 -34.24
CA SER B 195 -13.03 22.26 -33.50
C SER B 195 -11.94 23.18 -32.96
N SER B 196 -12.26 24.47 -32.75
CA SER B 196 -11.28 25.42 -32.21
C SER B 196 -11.03 25.15 -30.71
N THR B 197 -12.01 24.53 -30.02
CA THR B 197 -11.92 24.14 -28.60
C THR B 197 -10.85 23.05 -28.45
N PHE B 198 -10.91 22.00 -29.30
CA PHE B 198 -9.91 20.92 -29.27
C PHE B 198 -8.53 21.45 -29.66
N ALA B 199 -8.47 22.44 -30.58
CA ALA B 199 -7.20 23.07 -30.98
C ALA B 199 -6.60 23.83 -29.78
N GLU B 200 -7.46 24.54 -28.98
CA GLU B 200 -7.04 25.29 -27.78
C GLU B 200 -6.49 24.33 -26.71
N TRP B 201 -7.20 23.20 -26.47
CA TRP B 201 -6.83 22.17 -25.52
C TRP B 201 -5.41 21.63 -25.82
N ALA B 202 -5.14 21.31 -27.11
CA ALA B 202 -3.84 20.80 -27.54
C ALA B 202 -2.75 21.85 -27.38
N LYS B 203 -2.99 23.11 -27.81
CA LYS B 203 -2.04 24.23 -27.69
C LYS B 203 -1.62 24.39 -26.22
N GLU B 204 -2.59 24.29 -25.28
CA GLU B 204 -2.39 24.40 -23.84
C GLU B 204 -1.44 23.32 -23.29
N ARG B 205 -1.45 22.12 -23.91
CA ARG B 205 -0.64 20.99 -23.48
C ARG B 205 0.64 20.75 -24.30
N GLY B 206 0.91 21.63 -25.27
CA GLY B 206 2.08 21.52 -26.13
C GLY B 206 2.02 20.37 -27.11
N ILE B 207 0.78 19.90 -27.43
CA ILE B 207 0.47 18.81 -28.35
C ILE B 207 0.19 19.36 -29.76
N HIS B 208 0.90 18.83 -30.76
CA HIS B 208 0.67 19.25 -32.12
C HIS B 208 -0.43 18.37 -32.70
N LEU B 209 -1.44 18.98 -33.32
CA LEU B 209 -2.53 18.23 -33.96
C LEU B 209 -2.18 17.97 -35.42
N GLU B 210 -2.44 16.75 -35.89
CA GLU B 210 -2.14 16.33 -37.24
C GLU B 210 -3.33 15.63 -37.80
N PHE B 211 -3.74 16.06 -38.99
CA PHE B 211 -4.92 15.53 -39.65
C PHE B 211 -4.60 14.84 -40.93
N SER B 212 -5.44 13.86 -41.26
CA SER B 212 -5.35 13.13 -42.51
C SER B 212 -6.21 13.95 -43.50
N THR B 213 -5.94 13.84 -44.81
CA THR B 213 -6.70 14.54 -45.85
C THR B 213 -8.16 14.00 -45.83
N PRO B 214 -9.21 14.87 -45.97
CA PRO B 214 -10.59 14.34 -45.95
C PRO B 214 -10.77 13.17 -46.92
N TYR B 215 -11.52 12.14 -46.48
CA TYR B 215 -11.87 10.90 -47.22
C TYR B 215 -10.65 9.96 -47.47
N HIS B 216 -9.42 10.35 -47.03
CA HIS B 216 -8.17 9.58 -47.17
C HIS B 216 -7.52 9.28 -45.78
N PRO B 217 -8.12 8.35 -44.98
CA PRO B 217 -7.53 8.05 -43.65
C PRO B 217 -6.21 7.29 -43.70
N GLN B 218 -5.11 8.00 -43.40
CA GLN B 218 -3.78 7.43 -43.37
C GLN B 218 -3.19 7.51 -41.98
N SER B 219 -2.63 6.40 -41.49
CA SER B 219 -2.02 6.35 -40.17
C SER B 219 -0.61 5.75 -40.29
N SER B 220 -0.51 4.41 -40.24
CA SER B 220 0.67 3.56 -40.37
C SER B 220 0.15 2.13 -40.46
N GLY B 221 0.93 1.22 -41.04
CA GLY B 221 0.58 -0.18 -41.20
C GLY B 221 0.19 -0.82 -39.89
N LYS B 222 1.05 -0.65 -38.86
CA LYS B 222 0.85 -1.16 -37.50
C LYS B 222 -0.45 -0.63 -36.87
N VAL B 223 -0.68 0.70 -36.97
CA VAL B 223 -1.86 1.38 -36.41
C VAL B 223 -3.15 0.95 -37.17
N GLU B 224 -3.09 0.88 -38.53
CA GLU B 224 -4.23 0.47 -39.34
C GLU B 224 -4.65 -0.98 -38.98
N ARG B 225 -3.64 -1.88 -38.83
CA ARG B 225 -3.84 -3.27 -38.43
C ARG B 225 -4.44 -3.33 -37.02
N LYS B 226 -3.94 -2.49 -36.07
CA LYS B 226 -4.46 -2.45 -34.69
C LYS B 226 -5.91 -2.01 -34.65
N ASN B 227 -6.28 -0.97 -35.42
CA ASN B 227 -7.65 -0.48 -35.48
C ASN B 227 -8.62 -1.50 -36.07
N SER B 228 -8.08 -2.43 -36.91
CA SER B 228 -8.83 -3.53 -37.51
C SER B 228 -9.14 -4.54 -36.40
N ASP B 229 -8.09 -4.93 -35.62
CA ASP B 229 -8.20 -5.86 -34.49
C ASP B 229 -9.19 -5.36 -33.47
N ILE B 230 -9.19 -4.02 -33.17
CA ILE B 230 -10.10 -3.39 -32.21
C ILE B 230 -11.53 -3.53 -32.69
N LYS B 231 -11.82 -3.08 -33.93
CA LYS B 231 -13.15 -3.15 -34.55
C LYS B 231 -13.69 -4.60 -34.62
N ARG B 232 -12.82 -5.58 -34.92
CA ARG B 232 -13.18 -7.00 -35.01
C ARG B 232 -13.37 -7.67 -33.64
N LEU B 233 -12.52 -7.33 -32.65
CA LEU B 233 -12.59 -7.87 -31.29
C LEU B 233 -13.86 -7.36 -30.63
N LEU B 234 -14.21 -6.08 -30.87
CA LEU B 234 -15.43 -5.48 -30.31
C LEU B 234 -16.66 -6.18 -30.89
N THR B 235 -16.71 -6.36 -32.24
CA THR B 235 -17.82 -7.02 -32.96
C THR B 235 -18.05 -8.44 -32.45
N LYS B 236 -16.96 -9.19 -32.22
CA LYS B 236 -16.97 -10.57 -31.74
C LYS B 236 -17.61 -10.65 -30.34
N LEU B 237 -17.23 -9.73 -29.43
CA LEU B 237 -17.76 -9.74 -28.07
C LEU B 237 -19.15 -9.08 -27.94
N LEU B 238 -19.50 -8.10 -28.82
CA LEU B 238 -20.82 -7.44 -28.83
C LEU B 238 -21.89 -8.55 -28.98
N VAL B 239 -21.82 -9.35 -30.08
CA VAL B 239 -22.72 -10.48 -30.41
C VAL B 239 -23.09 -11.30 -29.15
N GLY B 240 -24.38 -11.33 -28.81
CA GLY B 240 -24.90 -12.03 -27.64
C GLY B 240 -25.16 -11.13 -26.44
N ARG B 241 -24.26 -10.15 -26.21
CA ARG B 241 -24.29 -9.16 -25.10
C ARG B 241 -23.95 -7.74 -25.64
N PRO B 242 -24.70 -7.19 -26.63
CA PRO B 242 -24.33 -5.86 -27.19
C PRO B 242 -24.51 -4.67 -26.26
N THR B 243 -25.12 -4.90 -25.11
CA THR B 243 -25.43 -3.89 -24.11
C THR B 243 -24.51 -3.99 -22.88
N LYS B 244 -23.54 -4.94 -22.88
CA LYS B 244 -22.62 -5.16 -21.76
C LYS B 244 -21.14 -4.89 -22.08
N TRP B 245 -20.86 -4.11 -23.15
CA TRP B 245 -19.50 -3.80 -23.60
C TRP B 245 -18.71 -2.84 -22.69
N TYR B 246 -19.38 -2.04 -21.84
CA TYR B 246 -18.71 -1.09 -20.93
C TYR B 246 -17.80 -1.80 -19.93
N ASP B 247 -18.28 -2.93 -19.39
CA ASP B 247 -17.54 -3.71 -18.39
C ASP B 247 -16.46 -4.55 -19.04
N LEU B 248 -16.57 -4.79 -20.35
CA LEU B 248 -15.61 -5.57 -21.11
C LEU B 248 -14.43 -4.76 -21.64
N LEU B 249 -14.54 -3.40 -21.62
CA LEU B 249 -13.45 -2.53 -22.08
C LEU B 249 -12.11 -2.85 -21.38
N PRO B 250 -12.02 -3.01 -20.03
CA PRO B 250 -10.71 -3.39 -19.45
C PRO B 250 -10.10 -4.69 -20.03
N VAL B 251 -10.91 -5.78 -20.20
CA VAL B 251 -10.40 -7.06 -20.74
C VAL B 251 -10.06 -6.92 -22.23
N VAL B 252 -10.83 -6.15 -23.01
CA VAL B 252 -10.57 -5.92 -24.44
C VAL B 252 -9.18 -5.29 -24.61
N GLN B 253 -8.85 -4.25 -23.81
CA GLN B 253 -7.57 -3.55 -23.82
C GLN B 253 -6.40 -4.48 -23.45
N LEU B 254 -6.53 -5.26 -22.37
CA LEU B 254 -5.48 -6.20 -21.94
C LEU B 254 -5.20 -7.21 -23.03
N ALA B 255 -6.26 -7.73 -23.70
CA ALA B 255 -6.14 -8.66 -24.83
C ALA B 255 -5.29 -8.03 -25.90
N LEU B 256 -5.69 -6.84 -26.39
CA LEU B 256 -5.03 -6.09 -27.44
C LEU B 256 -3.60 -5.78 -27.14
N ASN B 257 -3.30 -5.36 -25.89
CA ASN B 257 -1.95 -4.94 -25.47
C ASN B 257 -1.04 -6.11 -25.14
N ASN B 258 -1.60 -7.30 -25.01
CA ASN B 258 -0.84 -8.51 -24.74
C ASN B 258 -0.86 -9.46 -25.95
N THR B 259 -1.15 -8.88 -27.13
CA THR B 259 -1.21 -9.53 -28.43
C THR B 259 0.15 -9.29 -29.08
N TYR B 260 0.85 -10.38 -29.39
CA TYR B 260 2.18 -10.40 -30.02
C TYR B 260 2.16 -9.77 -31.42
N SER B 261 3.20 -8.96 -31.72
CA SER B 261 3.41 -8.29 -33.00
C SER B 261 4.40 -9.11 -33.87
N PRO B 262 3.91 -9.68 -35.01
CA PRO B 262 4.79 -10.49 -35.89
C PRO B 262 5.98 -9.71 -36.47
N VAL B 263 5.75 -8.41 -36.77
CA VAL B 263 6.71 -7.46 -37.33
C VAL B 263 7.80 -7.09 -36.31
N LEU B 264 7.40 -6.69 -35.08
CA LEU B 264 8.31 -6.20 -34.03
C LEU B 264 8.89 -7.25 -33.05
N LYS B 265 8.28 -8.46 -32.92
CA LYS B 265 8.71 -9.54 -32.00
C LYS B 265 8.17 -9.33 -30.55
N TYR B 266 7.65 -8.13 -30.24
CA TYR B 266 7.13 -7.86 -28.90
C TYR B 266 5.71 -7.36 -28.93
N THR B 267 4.97 -7.56 -27.81
CA THR B 267 3.58 -7.09 -27.66
C THR B 267 3.62 -5.58 -27.29
N PRO B 268 2.51 -4.80 -27.45
CA PRO B 268 2.55 -3.38 -27.01
C PRO B 268 2.96 -3.16 -25.55
N HIS B 269 2.57 -4.06 -24.63
CA HIS B 269 2.92 -3.99 -23.21
C HIS B 269 4.43 -4.08 -23.01
N GLN B 270 5.09 -5.03 -23.71
CA GLN B 270 6.54 -5.23 -23.60
C GLN B 270 7.26 -4.01 -24.11
N LEU B 271 6.81 -3.42 -25.21
CA LEU B 271 7.42 -2.24 -25.80
C LEU B 271 7.25 -0.96 -24.98
N LEU B 272 6.14 -0.88 -24.22
CA LEU B 272 5.84 0.28 -23.40
C LEU B 272 6.51 0.23 -22.04
N PHE B 273 6.49 -0.95 -21.36
CA PHE B 273 7.05 -1.11 -20.01
C PHE B 273 8.40 -1.80 -19.94
N GLY B 274 8.82 -2.48 -21.00
CA GLY B 274 10.09 -3.19 -21.07
C GLY B 274 10.19 -4.42 -20.18
N ILE B 275 9.03 -5.07 -19.94
CA ILE B 275 8.88 -6.27 -19.12
C ILE B 275 7.76 -7.17 -19.70
N ASP B 276 7.71 -8.44 -19.26
CA ASP B 276 6.66 -9.38 -19.63
C ASP B 276 5.45 -9.01 -18.76
N SER B 277 4.26 -9.43 -19.14
CA SER B 277 3.08 -9.08 -18.38
C SER B 277 2.58 -10.22 -17.50
N ASN B 278 1.76 -9.92 -16.51
CA ASN B 278 1.20 -10.93 -15.62
C ASN B 278 -0.04 -11.56 -16.23
N THR B 279 -0.47 -11.04 -17.38
CA THR B 279 -1.62 -11.51 -18.16
C THR B 279 -1.14 -11.77 -19.59
N PRO B 280 -0.42 -12.89 -19.85
CA PRO B 280 0.00 -13.17 -21.24
C PRO B 280 -1.23 -13.75 -21.97
N PHE B 281 -1.51 -13.27 -23.18
CA PHE B 281 -2.68 -13.80 -23.87
C PHE B 281 -2.23 -14.81 -24.90
N ALA B 282 -1.79 -15.97 -24.35
CA ALA B 282 -1.25 -17.14 -25.05
C ALA B 282 -2.29 -17.76 -26.00
N ASN B 283 -3.57 -17.79 -25.57
CA ASN B 283 -4.68 -18.32 -26.38
C ASN B 283 -5.05 -17.32 -27.50
N GLN B 284 -4.36 -17.43 -28.65
CA GLN B 284 -4.59 -16.57 -29.82
C GLN B 284 -5.93 -16.99 -30.43
N ASP B 285 -7.01 -16.32 -29.99
CA ASP B 285 -8.40 -16.56 -30.40
C ASP B 285 -8.64 -16.28 -31.90
N THR B 286 -9.77 -16.82 -32.43
CA THR B 286 -10.21 -16.72 -33.83
C THR B 286 -10.36 -15.29 -34.34
N LEU B 287 -11.07 -14.42 -33.56
CA LEU B 287 -11.39 -13.02 -33.89
C LEU B 287 -12.46 -12.99 -34.99
N ASP B 288 -12.53 -14.09 -35.76
CA ASP B 288 -13.48 -14.35 -36.82
C ASP B 288 -14.72 -14.91 -36.14
N LEU B 289 -15.89 -14.67 -36.72
CA LEU B 289 -17.16 -15.13 -36.18
C LEU B 289 -17.51 -16.57 -36.59
N THR B 290 -18.29 -17.26 -35.73
CA THR B 290 -18.77 -18.63 -35.96
C THR B 290 -20.09 -18.53 -36.75
N ARG B 291 -20.59 -19.66 -37.30
CA ARG B 291 -21.87 -19.68 -38.04
C ARG B 291 -23.03 -19.29 -37.12
N GLU B 292 -22.90 -19.67 -35.82
CA GLU B 292 -23.83 -19.38 -34.73
C GLU B 292 -23.83 -17.88 -34.44
N GLU B 293 -22.63 -17.25 -34.34
CA GLU B 293 -22.41 -15.81 -34.08
C GLU B 293 -22.84 -14.97 -35.27
N GLU B 294 -22.65 -15.49 -36.51
CA GLU B 294 -23.04 -14.84 -37.77
C GLU B 294 -24.56 -14.74 -37.83
N LEU B 295 -25.25 -15.86 -37.54
CA LEU B 295 -26.71 -15.95 -37.52
C LEU B 295 -27.29 -15.09 -36.38
N SER B 296 -26.61 -15.06 -35.20
CA SER B 296 -26.99 -14.26 -34.02
C SER B 296 -26.82 -12.76 -34.30
N LEU B 297 -25.76 -12.37 -35.07
CA LEU B 297 -25.47 -10.99 -35.45
C LEU B 297 -26.50 -10.51 -36.48
N LEU B 298 -26.85 -11.38 -37.45
CA LEU B 298 -27.84 -11.09 -38.49
C LEU B 298 -29.27 -11.06 -37.89
N GLN B 299 -29.48 -11.74 -36.73
CA GLN B 299 -30.75 -11.78 -35.99
C GLN B 299 -30.90 -10.47 -35.21
N GLU B 300 -29.77 -9.90 -34.73
CA GLU B 300 -29.71 -8.62 -34.00
C GLU B 300 -30.04 -7.47 -34.96
N ILE B 301 -29.60 -7.59 -36.25
CA ILE B 301 -29.86 -6.62 -37.33
C ILE B 301 -31.30 -6.92 -37.85
N ARG B 302 -32.31 -6.66 -36.98
CA ARG B 302 -33.74 -6.86 -37.22
C ARG B 302 -34.56 -5.98 -36.27
ZN ZN E . -0.04 -3.48 40.50
C1 GOL F . -20.67 -0.83 -0.39
O1 GOL F . -20.16 0.27 -1.13
C2 GOL F . -19.67 -1.98 -0.38
O2 GOL F . -18.39 -1.49 0.03
C3 GOL F . -19.55 -2.66 -1.72
O3 GOL F . -19.10 -4.01 -1.59
C1 GOL G . -16.22 21.55 -5.55
O1 GOL G . -15.29 22.57 -5.84
C2 GOL G . -17.15 21.95 -4.44
O2 GOL G . -17.98 23.03 -4.87
C3 GOL G . -16.45 22.31 -3.14
O3 GOL G . -15.47 23.35 -3.29
MG MG H . -5.69 3.23 5.26
MG MG I . -2.79 5.68 5.31
S SO4 J . -7.62 8.89 28.14
O1 SO4 J . -6.26 9.40 27.93
O2 SO4 J . -8.14 8.36 26.87
O3 SO4 J . -7.55 7.82 29.15
O4 SO4 J . -8.49 9.96 28.60
S SO4 K . -7.84 -8.58 27.16
O1 SO4 K . -6.71 -9.21 26.49
O2 SO4 K . -8.55 -7.71 26.23
O3 SO4 K . -7.37 -7.81 28.32
O4 SO4 K . -8.77 -9.60 27.65
C1 GOL L . -8.86 7.25 5.54
O1 GOL L . -9.82 6.19 5.44
C2 GOL L . -8.08 7.17 6.84
O2 GOL L . -7.47 5.89 6.94
C3 GOL L . -7.00 8.22 6.99
O3 GOL L . -6.42 8.15 8.29
C1 8G1 M . -3.89 5.31 8.66
C2 8G1 M . -4.60 4.58 7.66
C3 8G1 M . -5.73 3.71 7.94
C7 8G1 M . -7.08 1.29 9.65
C8 8G1 M . -8.16 0.98 8.60
C9 8G1 M . -9.03 2.20 8.54
C10 8G1 M . -8.51 3.22 9.32
C11 8G1 M . -9.18 4.44 9.47
C12 8G1 M . -10.37 4.65 8.77
C13 8G1 M . -10.87 3.64 7.95
C14 8G1 M . -10.21 2.43 7.84
C15 8G1 M . -8.68 5.50 10.31
C16 8G1 M . -2.81 6.21 8.28
C19 8G1 M . -1.14 7.81 9.05
C20 8G1 M . 0.26 7.37 9.43
C21 8G1 M . 0.73 7.52 10.73
C22 8G1 M . 2.00 7.09 11.08
C24 8G1 M . 2.33 6.30 8.84
O3 8G1 M . -2.51 6.44 7.12
N3 8G1 M . -2.16 6.79 9.32
C25 8G1 M . 1.08 6.75 8.48
CL 8G1 M . 3.30 5.43 7.70
C23 8G1 M . 2.78 6.47 10.12
F 8G1 M . 4.01 6.01 10.46
C17 8G1 M . -2.23 6.30 10.70
C18 8G1 M . -3.66 5.96 11.10
C 8G1 M . -4.34 5.12 10.05
C4 8G1 M . -5.40 4.27 10.31
C5 8G1 M . -6.04 3.93 11.60
O 8G1 M . -5.73 4.31 12.73
N1 8G1 M . -7.04 3.10 11.28
C6 8G1 M . -7.16 2.81 9.87
N 8G1 M . -6.05 3.61 9.28
O1 8G1 M . -6.37 3.14 7.06
O2 8G1 M . -4.23 4.61 6.35
N2 8G1 M . -8.28 6.32 10.99
S SO4 N . 2.01 -5.56 -36.44
O1 SO4 N . 2.61 -6.74 -37.03
O2 SO4 N . 0.70 -5.36 -37.01
O3 SO4 N . 2.91 -4.42 -36.67
O4 SO4 N . 1.83 -5.77 -34.99
C1 GOL O . 10.44 -7.30 -22.99
O1 GOL O . 10.86 -8.43 -22.23
C2 GOL O . 11.59 -6.73 -23.78
O2 GOL O . 12.49 -6.06 -22.91
C3 GOL O . 11.15 -5.78 -24.87
O3 GOL O . 12.29 -5.29 -25.59
MG MG P . -11.06 7.53 -40.07
C1 GOL Q . 17.40 8.30 1.21
O1 GOL Q . 16.48 7.27 1.55
C2 GOL Q . 16.67 9.55 0.78
O2 GOL Q . 15.62 9.85 1.72
C3 GOL Q . 17.66 10.70 0.75
O3 GOL Q . 17.28 11.70 -0.19
#